data_2AEZ
#
_entry.id   2AEZ
#
_cell.length_a   139.068
_cell.length_b   139.068
_cell.length_c   181.005
_cell.angle_alpha   90.00
_cell.angle_beta   90.00
_cell.angle_gamma   90.00
#
_symmetry.space_group_name_H-M   'P 41 21 2'
#
loop_
_entity.id
_entity.type
_entity.pdbx_description
1 polymer 'fructan 1-exohydrolase IIa'
2 branched 2-acetamido-2-deoxy-alpha-D-glucopyranose-(1-4)-2-acetamido-2-deoxy-beta-D-glucopyranose
3 branched beta-D-mannopyranose-(1-3)-beta-D-mannopyranose-(1-4)-2-acetamido-2-deoxy-beta-D-glucopyranose-(1-4)-2-acetamido-2-deoxy-beta-D-glucopyranose
4 branched beta-D-fructofuranose-(2-1)-beta-D-fructofuranose-(2-1)-alpha-D-glucopyranose
5 water water
#
_entity_poly.entity_id   1
_entity_poly.type   'polypeptide(L)'
_entity_poly.pdbx_seq_one_letter_code
;QQIEQPYRTGYHFQPPSNWMNDPNGPMLYQGVYHFFYQYNPYAATFGDVIIWGHAVSYDLVNWIHLDPAIYPTQEADSKS
CWSGSATILPGNIPAMLYTGSDSKSRQVQDLAWPKNLSDPFLREWVKHPKNPLITPPEGVKDDCFRDPSTAWLGPDGVWR
IVVGGDRDNNGMAFLYQSTDFVNWKRYDQPLSSADATGTWQCPDFYPVPLNSTNGLDTSVYGGSVRHVMKAGFEGHDWYT
IGTYSPDRENFLPQNGLSLTGSTLDLRYDYGQFYASKSFFDDAKNRRVLWAWVPETDSQADDIEKGWAGLQSFPRALWID
RNGKQLIQWPVEEIEELRQNQVNLQNKNLKPGSVLEIHGIAASQADVTISFKLEGLKEAEVLDTTLVDPQALCNERGASS
RGALGPFGLLAMASKDLKEQSAIFFRVFQNQLGRYSVLMCSDLSRSTVRSNIDTTSYGAFVDIDPRSEEISLRNLIDHSI
IESFGAGGKTCITSRIYPKFVNNEEAHLFVFNNGTQNVKISEMSAWSMKNAKFVVDQSVKSAA
;
_entity_poly.pdbx_strand_id   A
#
loop_
_chem_comp.id
_chem_comp.type
_chem_comp.name
_chem_comp.formula
BMA D-saccharide, beta linking beta-D-mannopyranose 'C6 H12 O6'
FRU D-saccharide, beta linking beta-D-fructofuranose 'C6 H12 O6'
GLC D-saccharide, alpha linking alpha-D-glucopyranose 'C6 H12 O6'
NAG D-saccharide, beta linking 2-acetamido-2-deoxy-beta-D-glucopyranose 'C8 H15 N O6'
NDG D-saccharide, alpha linking 2-acetamido-2-deoxy-alpha-D-glucopyranose 'C8 H15 N O6'
#
# COMPACT_ATOMS: atom_id res chain seq x y z
N ILE A 3 21.68 -10.48 17.97
CA ILE A 3 20.89 -9.70 16.97
C ILE A 3 19.58 -9.22 17.60
N GLU A 4 19.65 -8.10 18.31
CA GLU A 4 18.47 -7.53 18.98
C GLU A 4 17.47 -6.94 17.97
N GLN A 5 16.17 -7.13 18.24
CA GLN A 5 15.13 -6.61 17.36
C GLN A 5 15.40 -7.01 15.91
N PRO A 6 15.41 -8.33 15.64
CA PRO A 6 15.67 -8.85 14.29
C PRO A 6 14.55 -8.69 13.27
N TYR A 7 13.44 -8.08 13.66
CA TYR A 7 12.32 -7.90 12.74
C TYR A 7 12.03 -6.44 12.40
N ARG A 8 12.73 -5.51 13.06
CA ARG A 8 12.54 -4.09 12.78
C ARG A 8 13.06 -3.82 11.37
N THR A 9 12.39 -2.95 10.62
CA THR A 9 12.82 -2.64 9.27
C THR A 9 13.95 -1.63 9.37
N GLY A 10 14.80 -1.58 8.34
CA GLY A 10 15.91 -0.65 8.35
C GLY A 10 15.66 0.63 7.59
N TYR A 11 14.73 0.60 6.63
CA TYR A 11 14.41 1.80 5.86
C TYR A 11 12.91 2.02 5.54
N HIS A 12 12.04 1.38 6.32
CA HIS A 12 10.60 1.56 6.17
C HIS A 12 10.14 2.40 7.35
N PHE A 13 9.08 3.18 7.18
CA PHE A 13 8.62 3.99 8.29
C PHE A 13 7.91 3.18 9.36
N GLN A 14 8.19 3.50 10.61
CA GLN A 14 7.57 2.86 11.76
C GLN A 14 7.96 3.65 13.00
N PRO A 15 7.02 3.78 13.96
CA PRO A 15 7.33 4.53 15.18
C PRO A 15 8.39 3.85 16.02
N PRO A 16 9.04 4.61 16.91
CA PRO A 16 10.10 4.09 17.79
C PRO A 16 9.63 2.80 18.47
N SER A 17 8.32 2.70 18.69
CA SER A 17 7.73 1.53 19.33
C SER A 17 6.21 1.62 19.32
N ASN A 18 5.59 0.57 19.85
CA ASN A 18 4.14 0.47 19.96
C ASN A 18 3.35 0.15 18.69
N TRP A 19 2.06 0.40 18.76
CA TRP A 19 1.17 0.10 17.66
C TRP A 19 0.95 1.24 16.70
N MET A 20 0.97 0.92 15.42
CA MET A 20 0.73 1.87 14.35
C MET A 20 -0.07 1.19 13.28
N ASN A 21 -1.05 1.90 12.73
CA ASN A 21 -1.82 1.35 11.63
C ASN A 21 -2.06 2.41 10.55
N ASP A 22 -3.31 2.59 10.15
CA ASP A 22 -3.66 3.54 9.10
C ASP A 22 -2.81 4.79 8.91
N PRO A 23 -2.21 4.98 7.71
CA PRO A 23 -1.41 6.18 7.49
C PRO A 23 -2.41 7.33 7.43
N ASN A 24 -2.06 8.48 8.00
CA ASN A 24 -2.98 9.62 8.04
C ASN A 24 -2.51 10.94 7.44
N GLY A 25 -3.47 11.70 6.92
CA GLY A 25 -3.21 12.99 6.32
C GLY A 25 -1.85 13.23 5.70
N PRO A 26 -1.42 12.40 4.73
CA PRO A 26 -0.11 12.62 4.12
C PRO A 26 -0.18 13.90 3.29
N MET A 27 0.90 14.67 3.27
CA MET A 27 0.88 15.91 2.49
C MET A 27 2.26 16.52 2.38
N LEU A 28 2.44 17.34 1.36
CA LEU A 28 3.70 18.04 1.17
C LEU A 28 3.35 19.51 1.41
N TYR A 29 3.86 20.09 2.49
CA TYR A 29 3.57 21.49 2.78
C TYR A 29 4.80 22.34 3.08
N GLN A 30 4.92 23.45 2.36
CA GLN A 30 6.01 24.37 2.58
C GLN A 30 7.36 23.65 2.57
N GLY A 31 7.53 22.70 1.66
CA GLY A 31 8.77 21.96 1.55
C GLY A 31 8.99 20.77 2.46
N VAL A 32 8.10 20.59 3.42
CA VAL A 32 8.23 19.48 4.34
C VAL A 32 7.19 18.40 4.05
N TYR A 33 7.64 17.14 3.99
CA TYR A 33 6.73 16.01 3.76
C TYR A 33 6.17 15.62 5.12
N HIS A 34 4.86 15.76 5.28
CA HIS A 34 4.23 15.42 6.54
C HIS A 34 3.59 14.06 6.51
N PHE A 35 3.89 13.24 7.51
CA PHE A 35 3.25 11.93 7.59
C PHE A 35 2.61 11.83 8.96
N PHE A 36 1.45 11.19 9.01
CA PHE A 36 0.73 11.01 10.26
C PHE A 36 0.28 9.57 10.27
N TYR A 37 -0.09 9.02 11.43
CA TYR A 37 -0.53 7.64 11.51
C TYR A 37 -1.33 7.27 12.74
N GLN A 38 -2.29 6.37 12.57
CA GLN A 38 -3.08 5.89 13.70
C GLN A 38 -2.07 5.29 14.69
N TYR A 39 -2.08 5.78 15.93
CA TYR A 39 -1.12 5.32 16.93
C TYR A 39 -1.69 5.10 18.34
N ASN A 40 -1.19 4.07 19.02
CA ASN A 40 -1.59 3.75 20.39
C ASN A 40 -0.33 3.92 21.23
N PRO A 41 -0.24 5.05 21.95
CA PRO A 41 0.90 5.39 22.81
C PRO A 41 1.13 4.48 23.99
N TYR A 42 0.26 3.49 24.17
CA TYR A 42 0.41 2.62 25.33
C TYR A 42 0.69 1.15 25.12
N ALA A 43 0.62 0.65 23.88
CA ALA A 43 0.88 -0.77 23.63
C ALA A 43 1.24 -1.12 22.20
N ALA A 44 1.45 -2.40 21.96
CA ALA A 44 1.78 -2.92 20.62
C ALA A 44 0.48 -3.62 20.22
N THR A 45 -0.62 -2.98 20.57
CA THR A 45 -1.95 -3.48 20.30
C THR A 45 -2.90 -2.32 20.17
N PHE A 46 -3.91 -2.46 19.33
CA PHE A 46 -4.88 -1.40 19.17
C PHE A 46 -5.39 -1.06 20.58
N GLY A 47 -5.80 0.18 20.79
CA GLY A 47 -6.29 0.59 22.10
C GLY A 47 -7.60 1.36 22.04
N ASP A 48 -8.08 1.80 23.20
CA ASP A 48 -9.31 2.56 23.27
C ASP A 48 -8.98 4.00 22.93
N VAL A 49 -7.71 4.33 23.11
CA VAL A 49 -7.21 5.67 22.85
C VAL A 49 -6.22 5.65 21.71
N ILE A 50 -6.70 6.03 20.53
CA ILE A 50 -5.87 6.10 19.34
C ILE A 50 -5.68 7.56 18.96
N ILE A 51 -4.41 7.96 18.83
CA ILE A 51 -4.08 9.33 18.47
C ILE A 51 -3.33 9.35 17.15
N TRP A 52 -3.08 10.54 16.62
CA TRP A 52 -2.36 10.72 15.36
C TRP A 52 -0.87 10.91 15.58
N GLY A 53 -0.08 9.93 15.14
CA GLY A 53 1.36 10.05 15.27
C GLY A 53 1.81 11.08 14.26
N HIS A 54 2.98 11.68 14.48
CA HIS A 54 3.46 12.69 13.55
C HIS A 54 4.94 12.50 13.25
N ALA A 55 5.32 12.83 12.01
CA ALA A 55 6.70 12.72 11.57
C ALA A 55 6.86 13.62 10.36
N VAL A 56 8.07 14.14 10.16
CA VAL A 56 8.36 15.01 9.02
C VAL A 56 9.59 14.53 8.28
N SER A 57 9.66 14.88 7.01
CA SER A 57 10.79 14.48 6.18
C SER A 57 10.99 15.42 5.01
N TYR A 58 12.21 15.45 4.50
CA TYR A 58 12.52 16.28 3.36
C TYR A 58 12.72 15.42 2.12
N ASP A 59 12.64 14.09 2.29
CA ASP A 59 12.86 13.17 1.18
C ASP A 59 12.07 11.87 1.21
N LEU A 60 11.10 11.76 2.11
CA LEU A 60 10.27 10.55 2.23
C LEU A 60 11.05 9.29 2.60
N VAL A 61 12.31 9.46 3.01
CA VAL A 61 13.11 8.30 3.40
C VAL A 61 13.65 8.44 4.81
N ASN A 62 14.15 9.63 5.14
CA ASN A 62 14.68 9.89 6.47
C ASN A 62 13.68 10.76 7.20
N TRP A 63 13.24 10.27 8.36
CA TRP A 63 12.23 11.00 9.14
C TRP A 63 12.61 11.52 10.52
N ILE A 64 11.93 12.58 10.93
CA ILE A 64 12.11 13.14 12.27
C ILE A 64 10.80 12.88 12.99
N HIS A 65 10.86 12.13 14.08
CA HIS A 65 9.67 11.83 14.88
C HIS A 65 9.28 13.01 15.75
N LEU A 66 8.00 13.36 15.72
CA LEU A 66 7.49 14.48 16.50
C LEU A 66 6.45 13.96 17.49
N ASP A 67 5.93 14.85 18.33
CA ASP A 67 4.90 14.45 19.27
C ASP A 67 3.60 14.37 18.48
N PRO A 68 2.59 13.68 19.01
CA PRO A 68 1.32 13.57 18.29
C PRO A 68 0.77 14.94 17.90
N ALA A 69 -0.04 14.96 16.84
CA ALA A 69 -0.61 16.21 16.36
C ALA A 69 -2.08 16.31 16.72
N ILE A 70 -2.81 15.25 16.46
CA ILE A 70 -4.23 15.22 16.74
C ILE A 70 -4.52 14.14 17.76
N TYR A 71 -5.07 14.56 18.89
CA TYR A 71 -5.40 13.65 19.98
C TYR A 71 -6.63 14.22 20.63
N PRO A 72 -7.45 13.38 21.28
CA PRO A 72 -8.66 13.90 21.93
C PRO A 72 -8.49 15.18 22.78
N THR A 73 -9.23 16.22 22.41
CA THR A 73 -9.21 17.50 23.12
C THR A 73 -10.58 18.16 23.03
N GLN A 74 -11.55 17.40 22.54
CA GLN A 74 -12.91 17.91 22.39
C GLN A 74 -13.87 16.80 22.73
N GLU A 75 -15.15 17.12 22.77
CA GLU A 75 -16.13 16.10 23.04
C GLU A 75 -16.32 15.43 21.69
N ALA A 76 -16.07 16.20 20.63
CA ALA A 76 -16.21 15.71 19.26
C ALA A 76 -15.21 14.62 18.93
N ASP A 77 -14.24 14.38 19.81
CA ASP A 77 -13.26 13.35 19.60
C ASP A 77 -12.70 12.88 20.94
N SER A 78 -13.49 13.07 21.98
CA SER A 78 -13.11 12.71 23.35
C SER A 78 -12.60 11.29 23.55
N LYS A 79 -13.13 10.34 22.78
CA LYS A 79 -12.77 8.93 22.88
C LYS A 79 -11.63 8.40 22.00
N SER A 80 -11.36 9.09 20.89
CA SER A 80 -10.29 8.68 19.98
C SER A 80 -10.26 9.49 18.70
N CYS A 81 -9.09 9.56 18.08
CA CYS A 81 -8.95 10.28 16.82
C CYS A 81 -8.52 9.29 15.76
N TRP A 82 -9.46 8.93 14.88
CA TRP A 82 -9.17 7.95 13.85
C TRP A 82 -8.79 8.57 12.51
N SER A 83 -8.51 7.71 11.54
CA SER A 83 -8.05 8.13 10.22
C SER A 83 -8.74 9.32 9.56
N GLY A 84 -7.99 10.02 8.72
CA GLY A 84 -8.50 11.19 8.02
C GLY A 84 -7.56 11.61 6.91
N SER A 85 -7.82 12.77 6.32
CA SER A 85 -6.99 13.25 5.22
C SER A 85 -6.69 14.75 5.26
N ALA A 86 -5.52 15.12 4.73
CA ALA A 86 -5.09 16.51 4.68
C ALA A 86 -5.36 17.16 3.32
N THR A 87 -6.02 18.30 3.35
CA THR A 87 -6.33 19.06 2.15
C THR A 87 -5.76 20.46 2.34
N ILE A 88 -5.01 20.94 1.36
CA ILE A 88 -4.42 22.28 1.45
C ILE A 88 -5.29 23.25 0.66
N LEU A 89 -6.07 24.05 1.39
CA LEU A 89 -6.99 25.02 0.80
C LEU A 89 -6.28 26.21 0.22
N PRO A 90 -6.96 26.96 -0.67
CA PRO A 90 -6.39 28.15 -1.28
C PRO A 90 -6.04 29.12 -0.14
N GLY A 91 -4.89 29.75 -0.23
CA GLY A 91 -4.47 30.63 0.85
C GLY A 91 -3.38 29.87 1.57
N ASN A 92 -3.13 28.67 1.05
CA ASN A 92 -2.09 27.78 1.54
C ASN A 92 -2.18 27.39 3.01
N ILE A 93 -3.34 26.91 3.42
CA ILE A 93 -3.56 26.48 4.79
C ILE A 93 -4.05 25.02 4.85
N PRO A 94 -3.21 24.12 5.40
CA PRO A 94 -3.58 22.71 5.50
C PRO A 94 -4.77 22.50 6.41
N ALA A 95 -5.80 21.85 5.89
CA ALA A 95 -7.00 21.56 6.68
C ALA A 95 -7.06 20.04 6.86
N MET A 96 -7.21 19.59 8.10
CA MET A 96 -7.25 18.15 8.36
C MET A 96 -8.65 17.66 8.74
N LEU A 97 -9.22 16.79 7.93
CA LEU A 97 -10.54 16.22 8.20
C LEU A 97 -10.30 14.80 8.71
N TYR A 98 -10.89 14.45 9.86
CA TYR A 98 -10.69 13.11 10.41
C TYR A 98 -11.91 12.62 11.17
N THR A 99 -11.97 11.32 11.43
CA THR A 99 -13.08 10.73 12.16
C THR A 99 -12.76 10.67 13.64
N GLY A 100 -13.65 11.21 14.46
CA GLY A 100 -13.43 11.17 15.89
C GLY A 100 -14.47 10.28 16.54
N SER A 101 -14.17 9.83 17.76
CA SER A 101 -15.08 9.00 18.51
C SER A 101 -15.53 9.93 19.64
N ASP A 102 -16.74 10.47 19.55
CA ASP A 102 -17.21 11.39 20.58
C ASP A 102 -17.73 10.72 21.84
N SER A 103 -18.02 11.55 22.84
CA SER A 103 -18.54 11.13 24.14
C SER A 103 -19.51 9.95 24.07
N LYS A 104 -20.50 10.05 23.19
CA LYS A 104 -21.49 8.99 23.03
C LYS A 104 -21.06 7.96 21.98
N SER A 105 -19.75 7.74 21.91
CA SER A 105 -19.14 6.79 21.01
C SER A 105 -19.69 6.72 19.60
N ARG A 106 -19.95 7.88 18.99
CA ARG A 106 -20.42 7.90 17.61
C ARG A 106 -19.18 8.18 16.78
N GLN A 107 -19.28 7.94 15.48
CA GLN A 107 -18.16 8.23 14.60
C GLN A 107 -18.55 9.52 13.88
N VAL A 108 -17.80 10.59 14.16
CA VAL A 108 -18.10 11.88 13.54
C VAL A 108 -16.91 12.51 12.82
N GLN A 109 -17.21 13.39 11.87
CA GLN A 109 -16.17 14.07 11.10
C GLN A 109 -15.79 15.40 11.71
N ASP A 110 -14.51 15.54 12.05
CA ASP A 110 -13.99 16.77 12.66
C ASP A 110 -12.98 17.53 11.79
N LEU A 111 -12.76 18.79 12.13
CA LEU A 111 -11.84 19.65 11.39
C LEU A 111 -10.68 20.05 12.34
N ALA A 112 -9.52 20.35 11.77
CA ALA A 112 -8.36 20.74 12.56
C ALA A 112 -7.34 21.32 11.57
N TRP A 113 -6.59 22.32 11.99
CA TRP A 113 -5.58 22.89 11.11
C TRP A 113 -4.42 23.38 11.96
N PRO A 114 -3.23 23.56 11.35
CA PRO A 114 -2.09 24.01 12.15
C PRO A 114 -2.32 25.34 12.87
N LYS A 115 -1.97 25.34 14.16
CA LYS A 115 -2.11 26.50 15.03
C LYS A 115 -0.98 27.51 14.79
N ASN A 116 0.21 26.99 14.47
CA ASN A 116 1.41 27.80 14.22
C ASN A 116 1.86 27.54 12.78
N LEU A 117 1.23 28.23 11.84
CA LEU A 117 1.54 28.04 10.42
C LEU A 117 2.93 28.48 10.02
N SER A 118 3.73 28.97 10.96
CA SER A 118 5.08 29.43 10.67
C SER A 118 6.11 28.44 11.23
N ASP A 119 5.61 27.29 11.69
CA ASP A 119 6.46 26.24 12.19
C ASP A 119 6.61 25.28 11.02
N PRO A 120 7.81 25.17 10.47
CA PRO A 120 8.07 24.28 9.33
C PRO A 120 7.55 22.88 9.55
N PHE A 121 7.54 22.45 10.80
CA PHE A 121 7.08 21.11 11.11
C PHE A 121 5.64 21.02 11.57
N LEU A 122 4.89 22.11 11.45
CA LEU A 122 3.49 22.09 11.83
C LEU A 122 3.19 21.15 13.00
N ARG A 123 3.82 21.42 14.14
CA ARG A 123 3.66 20.60 15.34
C ARG A 123 2.33 20.75 16.08
N GLU A 124 1.99 21.96 16.50
CA GLU A 124 0.73 22.18 17.22
C GLU A 124 -0.47 22.32 16.29
N TRP A 125 -1.54 21.60 16.58
CA TRP A 125 -2.74 21.66 15.76
C TRP A 125 -3.96 22.09 16.54
N VAL A 126 -4.77 22.97 15.94
CA VAL A 126 -5.98 23.46 16.58
C VAL A 126 -7.26 22.93 15.89
N LYS A 127 -8.31 22.73 16.69
CA LYS A 127 -9.57 22.20 16.18
C LYS A 127 -10.67 23.22 16.07
N HIS A 128 -11.58 23.00 15.14
CA HIS A 128 -12.67 23.93 14.94
C HIS A 128 -13.67 23.80 16.07
N PRO A 129 -14.28 24.93 16.47
CA PRO A 129 -15.25 24.89 17.57
C PRO A 129 -16.53 24.17 17.18
N LYS A 130 -16.91 24.25 15.92
CA LYS A 130 -18.14 23.60 15.44
C LYS A 130 -18.10 22.07 15.30
N ASN A 131 -16.99 21.44 15.63
CA ASN A 131 -16.88 19.98 15.53
C ASN A 131 -17.91 19.30 16.40
N PRO A 132 -18.51 18.21 15.90
CA PRO A 132 -18.28 17.57 14.60
C PRO A 132 -19.00 18.27 13.44
N LEU A 133 -18.29 18.45 12.33
CA LEU A 133 -18.85 19.11 11.15
C LEU A 133 -19.81 18.22 10.40
N ILE A 134 -19.75 16.91 10.65
CA ILE A 134 -20.64 15.97 9.98
C ILE A 134 -20.92 14.79 10.91
N THR A 135 -22.16 14.32 10.91
CA THR A 135 -22.53 13.18 11.73
C THR A 135 -23.28 12.16 10.87
N PRO A 136 -23.26 10.89 11.27
CA PRO A 136 -23.92 9.81 10.53
C PRO A 136 -25.28 10.19 9.93
N PRO A 137 -25.41 10.12 8.59
CA PRO A 137 -26.67 10.47 7.94
C PRO A 137 -27.86 9.58 8.32
N GLU A 138 -29.02 9.91 7.77
CA GLU A 138 -30.28 9.20 8.05
C GLU A 138 -30.21 7.72 8.42
N GLY A 139 -29.95 6.87 7.44
CA GLY A 139 -29.92 5.45 7.72
C GLY A 139 -28.57 4.80 7.95
N VAL A 140 -27.66 5.50 8.64
CA VAL A 140 -26.34 4.96 8.90
C VAL A 140 -26.06 4.76 10.37
N LYS A 141 -25.49 3.61 10.72
CA LYS A 141 -25.17 3.30 12.11
C LYS A 141 -24.07 4.23 12.59
N ASP A 142 -23.94 4.42 13.90
CA ASP A 142 -22.92 5.29 14.45
C ASP A 142 -21.52 4.67 14.42
N ASP A 143 -21.45 3.42 13.98
CA ASP A 143 -20.17 2.73 13.90
C ASP A 143 -19.94 2.29 12.47
N CYS A 144 -20.45 3.07 11.53
CA CYS A 144 -20.33 2.76 10.11
C CYS A 144 -20.24 4.04 9.29
N PHE A 145 -19.46 5.01 9.76
CA PHE A 145 -19.35 6.29 9.07
C PHE A 145 -17.99 6.91 9.40
N ARG A 146 -16.99 6.69 8.56
CA ARG A 146 -15.67 7.23 8.88
C ARG A 146 -14.67 7.41 7.74
N ASP A 147 -13.49 7.91 8.11
CA ASP A 147 -12.37 8.13 7.21
C ASP A 147 -12.59 9.14 6.08
N PRO A 148 -12.82 10.42 6.43
CA PRO A 148 -13.03 11.43 5.39
C PRO A 148 -11.81 11.55 4.47
N SER A 149 -12.06 11.64 3.16
CA SER A 149 -10.97 11.72 2.19
C SER A 149 -10.43 13.12 2.02
N THR A 150 -9.45 13.26 1.13
CA THR A 150 -8.88 14.56 0.83
C THR A 150 -9.94 15.20 -0.05
N ALA A 151 -10.13 16.51 0.08
CA ALA A 151 -11.15 17.19 -0.72
C ALA A 151 -10.64 17.66 -2.07
N TRP A 152 -11.59 17.83 -2.99
CA TRP A 152 -11.30 18.32 -4.32
C TRP A 152 -12.28 19.45 -4.64
N LEU A 153 -11.76 20.51 -5.23
CA LEU A 153 -12.55 21.68 -5.54
C LEU A 153 -13.14 21.62 -6.94
N GLY A 154 -14.47 21.49 -7.01
CA GLY A 154 -15.16 21.41 -8.29
C GLY A 154 -14.94 22.65 -9.14
N PRO A 155 -15.08 22.55 -10.47
CA PRO A 155 -14.87 23.74 -11.30
C PRO A 155 -15.86 24.83 -10.92
N ASP A 156 -16.87 24.45 -10.17
CA ASP A 156 -17.86 25.43 -9.72
C ASP A 156 -17.39 25.99 -8.40
N GLY A 157 -16.11 25.79 -8.10
CA GLY A 157 -15.57 26.30 -6.86
C GLY A 157 -16.22 25.76 -5.60
N VAL A 158 -16.63 24.50 -5.63
CA VAL A 158 -17.24 23.92 -4.44
C VAL A 158 -16.47 22.67 -4.02
N TRP A 159 -16.10 22.61 -2.74
CA TRP A 159 -15.35 21.47 -2.21
C TRP A 159 -16.20 20.22 -2.18
N ARG A 160 -15.53 19.07 -2.22
CA ARG A 160 -16.20 17.77 -2.20
C ARG A 160 -15.33 16.75 -1.48
N ILE A 161 -15.96 15.89 -0.69
CA ILE A 161 -15.21 14.83 0.01
C ILE A 161 -16.07 13.57 0.11
N VAL A 162 -15.42 12.42 0.22
CA VAL A 162 -16.16 11.18 0.38
C VAL A 162 -15.82 10.63 1.77
N VAL A 163 -16.79 10.01 2.41
CA VAL A 163 -16.61 9.44 3.73
C VAL A 163 -17.04 7.98 3.67
N GLY A 164 -16.21 7.09 4.19
CA GLY A 164 -16.56 5.68 4.17
C GLY A 164 -17.82 5.42 4.97
N GLY A 165 -18.40 4.24 4.77
CA GLY A 165 -19.61 3.90 5.50
C GLY A 165 -20.35 2.77 4.83
N ASP A 166 -21.66 2.72 5.04
CA ASP A 166 -22.52 1.71 4.44
C ASP A 166 -23.95 1.90 4.90
N ARG A 167 -24.87 1.30 4.15
CA ARG A 167 -26.28 1.37 4.48
C ARG A 167 -26.76 -0.06 4.25
N ASP A 168 -27.22 -0.71 5.32
CA ASP A 168 -27.69 -2.09 5.21
C ASP A 168 -26.55 -2.99 4.74
N ASN A 169 -25.38 -2.78 5.34
CA ASN A 169 -24.19 -3.54 5.03
C ASN A 169 -23.71 -3.33 3.60
N ASN A 170 -24.39 -2.48 2.85
CA ASN A 170 -23.97 -2.19 1.48
C ASN A 170 -23.01 -1.02 1.57
N GLY A 171 -21.72 -1.32 1.49
CA GLY A 171 -20.70 -0.29 1.59
C GLY A 171 -20.79 0.82 0.57
N MET A 172 -20.33 2.00 0.96
CA MET A 172 -20.36 3.14 0.05
C MET A 172 -19.55 4.35 0.48
N ALA A 173 -19.30 5.20 -0.51
CA ALA A 173 -18.56 6.44 -0.34
C ALA A 173 -19.55 7.60 -0.33
N PHE A 174 -19.93 8.05 0.85
CA PHE A 174 -20.86 9.15 1.00
C PHE A 174 -20.19 10.43 0.53
N LEU A 175 -20.87 11.18 -0.32
CA LEU A 175 -20.32 12.42 -0.87
C LEU A 175 -20.86 13.66 -0.17
N TYR A 176 -19.97 14.58 0.21
CA TYR A 176 -20.38 15.82 0.85
C TYR A 176 -19.85 17.03 0.11
N GLN A 177 -20.52 18.17 0.27
CA GLN A 177 -20.10 19.41 -0.39
C GLN A 177 -20.07 20.60 0.55
N SER A 178 -19.20 21.55 0.24
CA SER A 178 -19.10 22.76 1.04
C SER A 178 -18.41 23.85 0.24
N THR A 179 -18.56 25.10 0.69
CA THR A 179 -17.93 26.22 -0.01
C THR A 179 -16.90 26.88 0.90
N ASP A 180 -17.03 26.63 2.19
CA ASP A 180 -16.15 27.19 3.21
C ASP A 180 -15.34 26.14 3.96
N PHE A 181 -15.55 24.87 3.62
CA PHE A 181 -14.83 23.76 4.24
C PHE A 181 -15.26 23.50 5.69
N VAL A 182 -16.30 24.20 6.13
CA VAL A 182 -16.78 24.03 7.50
C VAL A 182 -18.23 23.53 7.50
N ASN A 183 -19.03 24.06 6.59
CA ASN A 183 -20.42 23.64 6.50
C ASN A 183 -20.56 22.66 5.35
N TRP A 184 -20.69 21.39 5.70
CA TRP A 184 -20.81 20.33 4.71
C TRP A 184 -22.25 19.86 4.50
N LYS A 185 -22.65 19.76 3.22
CA LYS A 185 -23.98 19.29 2.88
C LYS A 185 -23.81 17.92 2.23
N ARG A 186 -24.56 16.92 2.72
CA ARG A 186 -24.48 15.58 2.15
C ARG A 186 -25.21 15.54 0.81
N TYR A 187 -24.61 14.87 -0.17
CA TYR A 187 -25.22 14.75 -1.50
C TYR A 187 -26.08 13.50 -1.48
N ASP A 188 -27.32 13.63 -1.95
CA ASP A 188 -28.29 12.54 -1.98
C ASP A 188 -27.77 11.12 -2.26
N GLN A 189 -26.97 10.95 -3.31
CA GLN A 189 -26.45 9.63 -3.63
C GLN A 189 -24.96 9.53 -3.33
N PRO A 190 -24.43 8.31 -3.14
CA PRO A 190 -23.01 8.15 -2.85
C PRO A 190 -22.25 8.27 -4.15
N LEU A 191 -20.94 8.50 -4.06
CA LEU A 191 -20.14 8.63 -5.26
C LEU A 191 -19.96 7.25 -5.86
N SER A 192 -20.06 6.22 -5.03
CA SER A 192 -19.91 4.85 -5.50
C SER A 192 -20.36 3.84 -4.44
N SER A 193 -20.88 2.70 -4.90
CA SER A 193 -21.37 1.65 -4.00
C SER A 193 -20.98 0.23 -4.37
N ALA A 194 -21.38 -0.70 -3.52
CA ALA A 194 -21.11 -2.13 -3.70
C ALA A 194 -22.00 -2.89 -2.71
N ASP A 195 -22.68 -3.92 -3.20
CA ASP A 195 -23.57 -4.71 -2.35
C ASP A 195 -22.88 -5.62 -1.35
N ALA A 196 -23.45 -5.69 -0.14
CA ALA A 196 -22.94 -6.53 0.96
C ALA A 196 -21.43 -6.67 1.06
N THR A 197 -20.72 -5.55 1.16
CA THR A 197 -19.28 -5.58 1.27
C THR A 197 -18.91 -5.15 2.68
N GLY A 198 -19.89 -4.63 3.40
CA GLY A 198 -19.64 -4.17 4.75
C GLY A 198 -19.15 -2.74 4.65
N THR A 199 -18.81 -2.14 5.79
CA THR A 199 -18.35 -0.76 5.79
C THR A 199 -17.15 -0.52 4.86
N TRP A 200 -17.20 0.60 4.14
CA TRP A 200 -16.14 1.01 3.23
C TRP A 200 -15.17 1.86 4.04
N GLN A 201 -13.89 1.53 3.98
CA GLN A 201 -12.91 2.26 4.76
C GLN A 201 -11.83 3.00 3.97
N CYS A 202 -11.41 4.14 4.50
CA CYS A 202 -10.35 4.95 3.90
C CYS A 202 -10.55 5.23 2.42
N PRO A 203 -11.78 5.61 2.02
CA PRO A 203 -11.99 5.87 0.59
C PRO A 203 -11.05 6.95 0.10
N ASP A 204 -10.56 6.81 -1.12
CA ASP A 204 -9.66 7.78 -1.73
C ASP A 204 -10.19 8.04 -3.14
N PHE A 205 -10.27 9.30 -3.54
CA PHE A 205 -10.77 9.65 -4.87
C PHE A 205 -9.84 10.70 -5.44
N TYR A 206 -9.20 10.40 -6.56
CA TYR A 206 -8.25 11.34 -7.15
C TYR A 206 -8.11 11.14 -8.66
N PRO A 207 -7.56 12.15 -9.36
CA PRO A 207 -7.37 12.06 -10.80
C PRO A 207 -5.97 11.58 -11.21
N VAL A 208 -5.86 11.04 -12.42
CA VAL A 208 -4.58 10.57 -12.93
C VAL A 208 -4.46 10.97 -14.40
N PRO A 209 -3.35 11.63 -14.77
CA PRO A 209 -3.15 12.07 -16.14
C PRO A 209 -2.97 10.90 -17.10
N LEU A 210 -3.72 10.91 -18.19
CA LEU A 210 -3.61 9.84 -19.19
C LEU A 210 -2.33 10.06 -19.96
N ASN A 211 -1.73 8.97 -20.41
CA ASN A 211 -0.48 8.98 -21.16
C ASN A 211 0.55 9.85 -20.44
N SER A 212 0.73 9.58 -19.15
CA SER A 212 1.68 10.32 -18.32
C SER A 212 2.00 9.56 -17.05
N THR A 213 3.22 9.73 -16.55
CA THR A 213 3.63 9.06 -15.34
C THR A 213 3.74 10.05 -14.19
N ASN A 214 3.09 11.20 -14.33
CA ASN A 214 3.13 12.20 -13.29
C ASN A 214 1.84 12.19 -12.50
N GLY A 215 1.82 12.93 -11.40
CA GLY A 215 0.62 12.99 -10.60
C GLY A 215 -0.16 14.25 -10.92
N LEU A 216 -1.35 14.36 -10.36
CA LEU A 216 -2.20 15.53 -10.56
C LEU A 216 -2.78 15.92 -9.22
N ASP A 217 -2.98 17.22 -9.02
CA ASP A 217 -3.57 17.66 -7.78
C ASP A 217 -5.00 17.08 -7.80
N THR A 218 -5.56 16.81 -6.63
CA THR A 218 -6.89 16.24 -6.51
C THR A 218 -7.98 16.97 -7.31
N SER A 219 -7.79 18.26 -7.55
CA SER A 219 -8.79 19.03 -8.25
C SER A 219 -8.61 19.22 -9.76
N VAL A 220 -8.24 18.16 -10.47
CA VAL A 220 -8.08 18.29 -11.91
C VAL A 220 -9.16 17.48 -12.61
N TYR A 221 -9.76 18.05 -13.65
CA TYR A 221 -10.81 17.39 -14.39
C TYR A 221 -10.48 17.55 -15.86
N GLY A 222 -10.86 16.57 -16.68
CA GLY A 222 -10.56 16.68 -18.08
C GLY A 222 -10.77 15.40 -18.86
N GLY A 223 -10.44 15.45 -20.14
CA GLY A 223 -10.60 14.27 -20.98
C GLY A 223 -9.33 13.46 -20.95
N SER A 224 -8.24 14.12 -20.60
CA SER A 224 -6.92 13.49 -20.53
C SER A 224 -6.72 13.06 -19.09
N VAL A 225 -7.83 12.97 -18.38
CA VAL A 225 -7.82 12.59 -16.98
C VAL A 225 -8.87 11.53 -16.68
N ARG A 226 -8.50 10.59 -15.84
CA ARG A 226 -9.39 9.53 -15.41
C ARG A 226 -9.42 9.61 -13.89
N HIS A 227 -10.48 9.13 -13.26
CA HIS A 227 -10.52 9.18 -11.80
C HIS A 227 -10.45 7.80 -11.17
N VAL A 228 -9.85 7.73 -9.99
CA VAL A 228 -9.72 6.48 -9.27
C VAL A 228 -10.53 6.48 -8.00
N MET A 229 -11.47 5.54 -7.90
CA MET A 229 -12.30 5.41 -6.70
C MET A 229 -11.73 4.23 -5.92
N LYS A 230 -10.97 4.52 -4.87
CA LYS A 230 -10.38 3.47 -4.06
C LYS A 230 -11.11 3.33 -2.75
N ALA A 231 -11.24 2.11 -2.27
CA ALA A 231 -11.93 1.89 -1.00
C ALA A 231 -11.43 0.59 -0.41
N GLY A 232 -11.45 0.52 0.91
CA GLY A 232 -11.01 -0.70 1.56
C GLY A 232 -12.19 -1.42 2.15
N PHE A 233 -12.36 -2.68 1.79
CA PHE A 233 -13.45 -3.47 2.33
C PHE A 233 -13.18 -4.96 2.19
N GLU A 234 -13.69 -5.73 3.13
CA GLU A 234 -13.49 -7.18 3.16
C GLU A 234 -12.00 -7.52 3.27
N GLY A 235 -11.26 -6.65 3.97
CA GLY A 235 -9.85 -6.88 4.20
C GLY A 235 -8.83 -6.43 3.17
N HIS A 236 -9.27 -5.79 2.09
CA HIS A 236 -8.29 -5.36 1.11
C HIS A 236 -8.60 -3.99 0.59
N ASP A 237 -7.65 -3.42 -0.15
CA ASP A 237 -7.86 -2.12 -0.75
C ASP A 237 -8.13 -2.32 -2.23
N TRP A 238 -9.36 -2.05 -2.65
CA TRP A 238 -9.78 -2.20 -4.04
C TRP A 238 -9.85 -0.85 -4.72
N TYR A 239 -9.81 -0.84 -6.05
CA TYR A 239 -9.94 0.42 -6.78
C TYR A 239 -10.50 0.20 -8.17
N THR A 240 -10.98 1.27 -8.78
CA THR A 240 -11.55 1.22 -10.12
C THR A 240 -11.37 2.56 -10.85
N ILE A 241 -10.77 2.51 -12.03
CA ILE A 241 -10.54 3.69 -12.84
C ILE A 241 -11.80 4.05 -13.63
N GLY A 242 -12.20 5.31 -13.58
CA GLY A 242 -13.39 5.70 -14.30
C GLY A 242 -13.44 7.17 -14.66
N THR A 243 -14.60 7.62 -15.09
CA THR A 243 -14.79 9.01 -15.48
C THR A 243 -15.65 9.75 -14.47
N TYR A 244 -15.19 10.93 -14.07
CA TYR A 244 -15.88 11.76 -13.09
C TYR A 244 -16.39 13.07 -13.64
N SER A 245 -17.66 13.36 -13.38
CA SER A 245 -18.30 14.59 -13.81
C SER A 245 -18.71 15.34 -12.54
N PRO A 246 -17.91 16.33 -12.12
CA PRO A 246 -18.25 17.08 -10.90
C PRO A 246 -19.62 17.74 -10.96
N ASP A 247 -19.99 18.20 -12.16
CA ASP A 247 -21.27 18.87 -12.38
C ASP A 247 -22.44 17.90 -12.21
N ARG A 248 -22.53 16.90 -13.10
CA ARG A 248 -23.60 15.90 -13.01
C ARG A 248 -23.41 15.14 -11.70
N GLU A 249 -22.21 15.21 -11.17
CA GLU A 249 -21.84 14.56 -9.91
C GLU A 249 -22.04 13.05 -9.94
N ASN A 250 -21.40 12.38 -10.89
CA ASN A 250 -21.48 10.93 -10.97
C ASN A 250 -20.16 10.38 -11.49
N PHE A 251 -19.80 9.21 -10.97
CA PHE A 251 -18.57 8.54 -11.34
C PHE A 251 -18.94 7.27 -12.09
N LEU A 252 -18.43 7.13 -13.31
CA LEU A 252 -18.71 5.96 -14.14
C LEU A 252 -17.47 5.09 -14.32
N PRO A 253 -17.40 3.96 -13.62
CA PRO A 253 -16.22 3.10 -13.78
C PRO A 253 -16.01 2.67 -15.22
N GLN A 254 -14.75 2.66 -15.64
CA GLN A 254 -14.43 2.30 -17.01
C GLN A 254 -14.95 0.92 -17.37
N ASN A 255 -14.61 -0.09 -16.57
CA ASN A 255 -15.05 -1.46 -16.81
C ASN A 255 -16.55 -1.60 -16.76
N GLY A 256 -17.24 -0.51 -16.48
CA GLY A 256 -18.69 -0.55 -16.41
C GLY A 256 -19.17 -1.50 -15.33
N LEU A 257 -18.36 -1.74 -14.31
CA LEU A 257 -18.75 -2.64 -13.23
C LEU A 257 -18.57 -2.01 -11.87
N SER A 258 -19.57 -2.20 -11.01
CA SER A 258 -19.51 -1.66 -9.65
C SER A 258 -18.54 -2.58 -8.89
N LEU A 259 -17.80 -2.03 -7.93
CA LEU A 259 -16.84 -2.84 -7.16
C LEU A 259 -17.50 -4.04 -6.48
N THR A 260 -16.73 -5.13 -6.37
CA THR A 260 -17.25 -6.36 -5.79
C THR A 260 -16.37 -6.91 -4.70
N GLY A 261 -15.07 -6.91 -4.95
CA GLY A 261 -14.15 -7.48 -3.99
C GLY A 261 -13.95 -8.91 -4.45
N SER A 262 -14.34 -9.16 -5.70
CA SER A 262 -14.22 -10.46 -6.35
C SER A 262 -12.91 -10.44 -7.15
N THR A 263 -12.52 -11.58 -7.71
CA THR A 263 -11.28 -11.66 -8.48
C THR A 263 -11.38 -10.83 -9.77
N LEU A 264 -12.48 -10.12 -9.93
CA LEU A 264 -12.69 -9.29 -11.11
C LEU A 264 -12.16 -7.88 -10.90
N ASP A 265 -12.08 -7.47 -9.64
CA ASP A 265 -11.61 -6.11 -9.31
C ASP A 265 -10.10 -5.99 -9.12
N LEU A 266 -9.61 -4.77 -9.26
CA LEU A 266 -8.18 -4.49 -9.11
C LEU A 266 -7.80 -4.08 -7.67
N ARG A 267 -6.53 -4.30 -7.33
CA ARG A 267 -6.02 -3.94 -6.02
C ARG A 267 -4.70 -3.20 -6.21
N TYR A 268 -4.30 -2.40 -5.23
CA TYR A 268 -3.02 -1.75 -5.37
C TYR A 268 -2.00 -2.88 -5.22
N ASP A 269 -2.05 -3.53 -4.06
CA ASP A 269 -1.14 -4.61 -3.71
C ASP A 269 -2.00 -5.86 -3.47
N TYR A 270 -1.40 -7.04 -3.57
CA TYR A 270 -2.14 -8.30 -3.36
C TYR A 270 -1.70 -9.09 -2.14
N GLY A 271 -0.96 -8.44 -1.24
CA GLY A 271 -0.50 -9.12 -0.05
C GLY A 271 -0.95 -8.31 1.14
N GLN A 272 -0.08 -8.15 2.14
CA GLN A 272 -0.40 -7.35 3.32
C GLN A 272 -0.35 -5.88 2.93
N PHE A 273 -1.51 -5.28 2.73
CA PHE A 273 -1.54 -3.90 2.31
C PHE A 273 -2.91 -3.35 2.66
N TYR A 274 -2.98 -2.45 3.65
CA TYR A 274 -4.27 -1.89 4.03
C TYR A 274 -4.28 -0.39 4.37
N ALA A 275 -5.49 0.18 4.34
CA ALA A 275 -5.70 1.58 4.65
C ALA A 275 -4.84 2.52 3.80
N SER A 276 -4.54 2.11 2.57
CA SER A 276 -3.73 2.94 1.68
C SER A 276 -4.35 4.30 1.41
N LYS A 277 -3.50 5.32 1.39
CA LYS A 277 -3.90 6.70 1.12
C LYS A 277 -2.82 7.44 0.33
N SER A 278 -3.21 8.13 -0.72
CA SER A 278 -2.25 8.87 -1.55
C SER A 278 -2.35 10.36 -1.27
N PHE A 279 -1.46 11.12 -1.88
CA PHE A 279 -1.44 12.57 -1.76
C PHE A 279 -0.60 13.07 -2.92
N PHE A 280 -0.78 14.33 -3.30
CA PHE A 280 -0.05 14.89 -4.42
C PHE A 280 1.25 15.56 -3.97
N ASP A 281 2.33 15.28 -4.68
CA ASP A 281 3.64 15.87 -4.38
C ASP A 281 3.90 16.89 -5.50
N ASP A 282 3.43 18.12 -5.31
CA ASP A 282 3.60 19.15 -6.32
C ASP A 282 5.06 19.52 -6.52
N ALA A 283 5.90 19.16 -5.55
CA ALA A 283 7.31 19.49 -5.65
C ALA A 283 7.99 18.64 -6.69
N LYS A 284 7.41 17.48 -6.98
CA LYS A 284 7.97 16.57 -7.97
C LYS A 284 6.89 16.11 -8.93
N ASN A 285 5.73 16.76 -8.88
CA ASN A 285 4.59 16.42 -9.73
C ASN A 285 4.39 14.92 -9.83
N ARG A 286 3.99 14.31 -8.73
CA ARG A 286 3.76 12.88 -8.67
C ARG A 286 2.77 12.62 -7.55
N ARG A 287 2.14 11.45 -7.59
CA ARG A 287 1.22 11.08 -6.53
C ARG A 287 1.91 9.97 -5.73
N VAL A 288 1.99 10.15 -4.42
CA VAL A 288 2.63 9.17 -3.57
C VAL A 288 1.60 8.38 -2.78
N LEU A 289 1.78 7.06 -2.76
CA LEU A 289 0.85 6.18 -2.06
C LEU A 289 1.49 5.62 -0.79
N TRP A 290 0.77 5.77 0.34
CA TRP A 290 1.21 5.25 1.63
C TRP A 290 0.27 4.11 2.00
N ALA A 291 0.78 3.08 2.66
CA ALA A 291 -0.10 1.97 3.07
C ALA A 291 0.36 1.24 4.33
N TRP A 292 -0.59 0.88 5.17
CA TRP A 292 -0.27 0.17 6.39
C TRP A 292 -0.04 -1.29 6.07
N VAL A 293 1.04 -1.85 6.61
CA VAL A 293 1.33 -3.27 6.40
C VAL A 293 1.28 -3.89 7.79
N PRO A 294 0.14 -4.52 8.13
CA PRO A 294 -0.07 -5.15 9.43
C PRO A 294 0.91 -6.27 9.75
N GLU A 295 1.09 -6.56 11.04
CA GLU A 295 1.98 -7.64 11.45
C GLU A 295 1.29 -8.94 11.09
N THR A 296 2.04 -10.02 10.86
CA THR A 296 1.39 -11.29 10.56
C THR A 296 1.77 -12.34 11.60
N ASP A 297 2.43 -11.90 12.67
CA ASP A 297 2.78 -12.83 13.73
C ASP A 297 1.68 -12.76 14.82
N SER A 298 1.91 -13.36 15.98
CA SER A 298 0.89 -13.35 17.03
C SER A 298 0.88 -12.04 17.82
N GLN A 299 -0.23 -11.75 18.49
CA GLN A 299 -0.32 -10.53 19.28
C GLN A 299 0.64 -10.61 20.45
N ALA A 300 0.85 -11.83 20.93
CA ALA A 300 1.75 -12.09 22.04
C ALA A 300 3.12 -11.64 21.56
N ASP A 301 3.41 -12.00 20.30
CA ASP A 301 4.67 -11.64 19.68
C ASP A 301 4.84 -10.12 19.66
N ASP A 302 3.79 -9.42 19.25
CA ASP A 302 3.81 -7.96 19.18
C ASP A 302 4.17 -7.36 20.53
N ILE A 303 3.45 -7.76 21.56
CA ILE A 303 3.69 -7.27 22.91
C ILE A 303 5.14 -7.56 23.26
N GLU A 304 5.56 -8.77 22.94
CA GLU A 304 6.91 -9.22 23.21
C GLU A 304 7.96 -8.29 22.62
N LYS A 305 8.00 -8.16 21.29
CA LYS A 305 8.98 -7.31 20.62
C LYS A 305 8.74 -5.82 20.88
N GLY A 306 7.55 -5.52 21.41
CA GLY A 306 7.23 -4.15 21.76
C GLY A 306 6.67 -3.22 20.70
N TRP A 307 6.34 -3.74 19.52
CA TRP A 307 5.78 -2.90 18.47
C TRP A 307 4.97 -3.70 17.46
N ALA A 308 4.16 -3.01 16.68
CA ALA A 308 3.34 -3.65 15.67
C ALA A 308 2.97 -2.64 14.60
N GLY A 309 3.01 -3.08 13.35
CA GLY A 309 2.66 -2.20 12.25
C GLY A 309 3.85 -1.58 11.56
N LEU A 310 3.77 -1.51 10.24
CA LEU A 310 4.79 -0.92 9.39
C LEU A 310 4.09 -0.14 8.28
N GLN A 311 4.84 0.69 7.58
CA GLN A 311 4.29 1.44 6.46
C GLN A 311 5.05 1.00 5.22
N SER A 312 4.33 0.65 4.16
CA SER A 312 4.97 0.25 2.91
C SER A 312 5.84 1.41 2.48
N PHE A 313 6.94 1.16 1.79
CA PHE A 313 7.76 2.29 1.36
C PHE A 313 6.94 3.15 0.40
N PRO A 314 6.96 4.49 0.59
CA PRO A 314 6.19 5.39 -0.27
C PRO A 314 6.39 5.07 -1.75
N ARG A 315 5.31 4.89 -2.50
CA ARG A 315 5.45 4.63 -3.92
C ARG A 315 4.71 5.57 -4.86
N ALA A 316 5.36 5.88 -5.97
CA ALA A 316 4.81 6.75 -7.00
C ALA A 316 3.69 5.97 -7.68
N LEU A 317 2.70 6.70 -8.17
CA LEU A 317 1.53 6.10 -8.77
C LEU A 317 1.11 6.77 -10.07
N TRP A 318 0.72 5.98 -11.06
CA TRP A 318 0.26 6.52 -12.33
C TRP A 318 -0.49 5.45 -13.12
N ILE A 319 -1.30 5.87 -14.08
CA ILE A 319 -2.08 4.94 -14.89
C ILE A 319 -1.20 4.28 -15.95
N ASP A 320 -1.49 3.01 -16.25
CA ASP A 320 -0.70 2.29 -17.24
C ASP A 320 -0.90 2.92 -18.60
N ARG A 321 0.04 2.71 -19.51
CA ARG A 321 -0.09 3.31 -20.84
C ARG A 321 -1.41 2.93 -21.52
N ASN A 322 -1.98 1.79 -21.16
CA ASN A 322 -3.22 1.35 -21.77
C ASN A 322 -4.46 1.81 -21.00
N GLY A 323 -4.25 2.52 -19.90
CA GLY A 323 -5.34 3.05 -19.10
C GLY A 323 -6.31 2.08 -18.45
N LYS A 324 -5.92 0.81 -18.33
CA LYS A 324 -6.80 -0.18 -17.73
C LYS A 324 -6.47 -0.46 -16.27
N GLN A 325 -5.22 -0.21 -15.89
CA GLN A 325 -4.80 -0.40 -14.51
C GLN A 325 -3.76 0.65 -14.08
N LEU A 326 -3.48 0.69 -12.78
CA LEU A 326 -2.53 1.64 -12.19
C LEU A 326 -1.14 0.99 -12.03
N ILE A 327 -0.09 1.81 -12.09
CA ILE A 327 1.30 1.32 -11.91
C ILE A 327 1.91 1.99 -10.69
N GLN A 328 2.64 1.24 -9.86
CA GLN A 328 3.28 1.82 -8.69
C GLN A 328 4.76 1.48 -8.71
N TRP A 329 5.57 2.35 -8.14
CA TRP A 329 7.02 2.14 -8.11
C TRP A 329 7.59 2.90 -6.90
N PRO A 330 8.53 2.31 -6.16
CA PRO A 330 9.07 3.03 -5.01
C PRO A 330 9.59 4.41 -5.43
N VAL A 331 9.29 5.45 -4.65
CA VAL A 331 9.78 6.79 -4.98
C VAL A 331 11.30 6.75 -5.19
N GLU A 332 11.79 7.50 -6.17
CA GLU A 332 13.22 7.51 -6.50
C GLU A 332 14.18 7.77 -5.35
N GLU A 333 13.76 8.56 -4.37
CA GLU A 333 14.63 8.88 -3.25
C GLU A 333 15.23 7.65 -2.60
N ILE A 334 14.55 6.51 -2.72
CA ILE A 334 15.04 5.28 -2.11
C ILE A 334 16.41 4.89 -2.63
N GLU A 335 16.68 5.23 -3.88
CA GLU A 335 17.94 4.91 -4.50
C GLU A 335 19.12 5.52 -3.75
N GLU A 336 18.85 6.57 -2.99
CA GLU A 336 19.92 7.23 -2.22
C GLU A 336 20.49 6.29 -1.16
N LEU A 337 19.71 5.29 -0.77
CA LEU A 337 20.15 4.35 0.24
C LEU A 337 21.00 3.22 -0.32
N ARG A 338 21.10 3.15 -1.65
CA ARG A 338 21.88 2.09 -2.27
C ARG A 338 23.36 2.24 -2.00
N GLN A 339 24.02 1.12 -1.68
CA GLN A 339 25.45 1.12 -1.40
C GLN A 339 26.19 0.42 -2.53
N ASN A 340 26.76 -0.74 -2.25
CA ASN A 340 27.48 -1.47 -3.29
C ASN A 340 26.48 -2.30 -4.09
N GLN A 341 26.86 -2.70 -5.28
CA GLN A 341 25.99 -3.46 -6.15
C GLN A 341 26.63 -4.76 -6.59
N VAL A 342 25.79 -5.78 -6.78
CA VAL A 342 26.23 -7.07 -7.29
C VAL A 342 25.39 -7.21 -8.55
N ASN A 343 26.01 -7.67 -9.63
CA ASN A 343 25.28 -7.76 -10.88
C ASN A 343 25.49 -9.07 -11.60
N LEU A 344 24.43 -9.56 -12.23
CA LEU A 344 24.49 -10.80 -12.99
C LEU A 344 23.95 -10.53 -14.37
N GLN A 345 24.57 -11.11 -15.37
CA GLN A 345 24.09 -10.90 -16.72
C GLN A 345 24.25 -12.11 -17.62
N ASN A 346 23.22 -12.39 -18.39
CA ASN A 346 23.28 -13.53 -19.30
C ASN A 346 23.67 -14.82 -18.57
N LYS A 347 23.04 -15.07 -17.43
CA LYS A 347 23.30 -16.27 -16.62
C LYS A 347 22.09 -17.19 -16.77
N ASN A 348 22.34 -18.43 -17.15
CA ASN A 348 21.26 -19.38 -17.37
C ASN A 348 20.96 -20.21 -16.12
N LEU A 349 19.70 -20.26 -15.72
CA LEU A 349 19.28 -21.04 -14.56
C LEU A 349 18.73 -22.35 -15.11
N LYS A 350 19.50 -23.43 -14.98
CA LYS A 350 19.04 -24.71 -15.49
C LYS A 350 17.96 -25.23 -14.57
N PRO A 351 17.11 -26.14 -15.05
CA PRO A 351 16.05 -26.67 -14.18
C PRO A 351 16.56 -27.14 -12.83
N GLY A 352 15.72 -27.00 -11.81
CA GLY A 352 16.08 -27.41 -10.47
C GLY A 352 17.22 -26.63 -9.83
N SER A 353 17.60 -25.47 -10.37
CA SER A 353 18.70 -24.69 -9.80
C SER A 353 18.37 -23.78 -8.64
N VAL A 354 19.44 -23.29 -8.00
CA VAL A 354 19.40 -22.36 -6.87
C VAL A 354 20.78 -21.70 -6.87
N LEU A 355 20.82 -20.43 -7.26
CA LEU A 355 22.07 -19.67 -7.34
C LEU A 355 22.14 -18.61 -6.24
N GLU A 356 23.23 -18.56 -5.49
CA GLU A 356 23.31 -17.57 -4.41
C GLU A 356 23.93 -16.23 -4.75
N ILE A 357 23.22 -15.17 -4.42
CA ILE A 357 23.73 -13.83 -4.65
C ILE A 357 24.68 -13.53 -3.49
N HIS A 358 25.93 -13.25 -3.80
CA HIS A 358 26.92 -12.97 -2.77
C HIS A 358 27.25 -11.50 -2.57
N GLY A 359 27.70 -11.17 -1.36
CA GLY A 359 28.09 -9.81 -1.07
C GLY A 359 27.00 -8.77 -1.00
N ILE A 360 25.85 -9.16 -0.47
CA ILE A 360 24.73 -8.24 -0.33
C ILE A 360 24.18 -8.32 1.09
N ALA A 361 23.61 -7.23 1.57
CA ALA A 361 23.00 -7.22 2.89
C ALA A 361 21.65 -7.91 2.67
N ALA A 362 21.70 -9.21 2.45
CA ALA A 362 20.53 -10.03 2.16
C ALA A 362 19.23 -9.72 2.91
N SER A 363 19.33 -9.10 4.08
CA SER A 363 18.13 -8.81 4.84
C SER A 363 17.66 -7.39 4.66
N GLN A 364 18.47 -6.60 3.99
CA GLN A 364 18.15 -5.20 3.74
C GLN A 364 18.76 -4.89 2.38
N ALA A 365 18.01 -5.21 1.33
CA ALA A 365 18.50 -4.98 -0.03
C ALA A 365 17.40 -4.60 -1.02
N ASP A 366 17.84 -4.19 -2.21
CA ASP A 366 16.97 -3.79 -3.30
C ASP A 366 17.41 -4.65 -4.49
N VAL A 367 16.59 -5.62 -4.87
CA VAL A 367 16.93 -6.55 -5.96
C VAL A 367 16.05 -6.46 -7.21
N THR A 368 16.69 -6.38 -8.39
CA THR A 368 15.94 -6.34 -9.66
C THR A 368 16.46 -7.44 -10.54
N ILE A 369 15.55 -8.23 -11.08
CA ILE A 369 15.94 -9.33 -11.96
C ILE A 369 15.01 -9.36 -13.16
N SER A 370 15.53 -9.82 -14.28
CA SER A 370 14.74 -9.88 -15.50
C SER A 370 15.03 -11.20 -16.21
N PHE A 371 14.01 -12.03 -16.37
CA PHE A 371 14.17 -13.32 -17.02
C PHE A 371 13.85 -13.36 -18.51
N LYS A 372 14.61 -14.19 -19.23
CA LYS A 372 14.44 -14.41 -20.66
C LYS A 372 13.94 -15.87 -20.73
N LEU A 373 12.68 -16.08 -21.12
CA LEU A 373 12.10 -17.42 -21.18
C LEU A 373 12.50 -18.30 -22.36
N GLU A 374 12.62 -19.60 -22.09
CA GLU A 374 13.00 -20.55 -23.14
C GLU A 374 11.92 -21.61 -23.32
N GLY A 375 11.40 -21.71 -24.54
CA GLY A 375 10.39 -22.71 -24.82
C GLY A 375 9.00 -22.47 -24.27
N LEU A 376 8.41 -21.32 -24.63
CA LEU A 376 7.07 -20.98 -24.18
C LEU A 376 6.10 -22.07 -24.63
N LYS A 377 6.40 -22.70 -25.76
CA LYS A 377 5.58 -23.76 -26.31
C LYS A 377 5.20 -24.77 -25.22
N GLU A 378 6.18 -25.15 -24.41
CA GLU A 378 5.97 -26.13 -23.36
C GLU A 378 5.15 -25.62 -22.17
N ALA A 379 4.70 -24.38 -22.23
CA ALA A 379 3.93 -23.84 -21.12
C ALA A 379 2.76 -24.75 -20.77
N GLU A 380 2.56 -24.99 -19.48
CA GLU A 380 1.45 -25.82 -19.01
C GLU A 380 0.17 -25.21 -19.53
N VAL A 381 -0.81 -26.05 -19.85
CA VAL A 381 -2.07 -25.54 -20.35
C VAL A 381 -3.05 -25.31 -19.24
N LEU A 382 -3.44 -24.06 -19.05
CA LEU A 382 -4.39 -23.71 -18.01
C LEU A 382 -5.07 -22.41 -18.36
N ASP A 383 -6.38 -22.44 -18.51
CA ASP A 383 -7.13 -21.22 -18.81
C ASP A 383 -7.34 -20.57 -17.46
N THR A 384 -6.81 -19.37 -17.29
CA THR A 384 -6.92 -18.66 -16.02
C THR A 384 -8.06 -17.65 -15.93
N THR A 385 -9.05 -17.80 -16.80
CA THR A 385 -10.19 -16.88 -16.83
C THR A 385 -10.87 -16.64 -15.48
N LEU A 386 -11.20 -17.70 -14.75
CA LEU A 386 -11.86 -17.56 -13.46
C LEU A 386 -11.01 -18.03 -12.28
N VAL A 387 -9.75 -18.30 -12.53
CA VAL A 387 -8.86 -18.77 -11.47
C VAL A 387 -8.47 -17.69 -10.44
N ASP A 388 -8.36 -18.07 -9.18
CA ASP A 388 -7.96 -17.14 -8.12
C ASP A 388 -6.46 -17.33 -7.87
N PRO A 389 -5.64 -16.38 -8.30
CA PRO A 389 -4.20 -16.47 -8.11
C PRO A 389 -3.71 -16.76 -6.71
N GLN A 390 -4.37 -16.23 -5.69
CA GLN A 390 -3.92 -16.51 -4.34
C GLN A 390 -4.14 -17.97 -4.04
N ALA A 391 -5.26 -18.50 -4.51
CA ALA A 391 -5.57 -19.90 -4.28
C ALA A 391 -4.48 -20.73 -4.96
N LEU A 392 -4.23 -20.41 -6.23
CA LEU A 392 -3.24 -21.12 -7.00
C LEU A 392 -1.84 -21.08 -6.39
N CYS A 393 -1.39 -19.92 -5.92
CA CYS A 393 -0.05 -19.82 -5.31
C CYS A 393 0.03 -20.62 -4.04
N ASN A 394 -1.11 -20.79 -3.38
CA ASN A 394 -1.15 -21.53 -2.14
C ASN A 394 -1.18 -23.01 -2.44
N GLU A 395 -1.78 -23.38 -3.56
CA GLU A 395 -1.86 -24.77 -3.97
C GLU A 395 -0.47 -25.18 -4.46
N ARG A 396 0.06 -24.41 -5.39
CA ARG A 396 1.37 -24.67 -5.97
C ARG A 396 2.44 -23.72 -5.44
N GLY A 397 3.22 -24.20 -4.48
CA GLY A 397 4.26 -23.39 -3.90
C GLY A 397 5.53 -23.51 -4.72
N ALA A 398 6.65 -23.07 -4.15
CA ALA A 398 7.93 -23.13 -4.85
C ALA A 398 8.34 -24.56 -5.12
N SER A 399 7.84 -25.49 -4.31
CA SER A 399 8.17 -26.90 -4.48
C SER A 399 7.36 -27.61 -5.57
N SER A 400 6.36 -26.92 -6.10
CA SER A 400 5.54 -27.48 -7.17
C SER A 400 6.21 -27.18 -8.50
N ARG A 401 7.02 -28.11 -8.98
CA ARG A 401 7.72 -27.90 -10.25
C ARG A 401 6.74 -27.84 -11.41
N GLY A 402 7.04 -27.03 -12.41
CA GLY A 402 6.16 -26.90 -13.57
C GLY A 402 6.96 -26.79 -14.86
N ALA A 403 6.29 -26.45 -15.95
CA ALA A 403 6.98 -26.31 -17.23
C ALA A 403 7.85 -25.06 -17.11
N LEU A 404 7.21 -23.90 -17.20
CA LEU A 404 7.86 -22.61 -17.05
C LEU A 404 7.45 -22.13 -15.67
N GLY A 405 8.37 -22.26 -14.71
CA GLY A 405 8.08 -21.84 -13.36
C GLY A 405 7.97 -23.03 -12.42
N PRO A 406 8.15 -22.84 -11.11
CA PRO A 406 8.48 -21.57 -10.46
C PRO A 406 9.92 -21.10 -10.62
N PHE A 407 10.09 -19.86 -11.09
CA PHE A 407 11.41 -19.28 -11.21
C PHE A 407 11.33 -17.87 -10.64
N GLY A 408 12.25 -17.56 -9.73
CA GLY A 408 12.26 -16.25 -9.13
C GLY A 408 13.35 -16.08 -8.08
N LEU A 409 12.95 -15.55 -6.92
CA LEU A 409 13.90 -15.31 -5.84
C LEU A 409 13.56 -16.03 -4.55
N LEU A 410 14.57 -16.14 -3.70
CA LEU A 410 14.42 -16.74 -2.38
C LEU A 410 14.98 -15.67 -1.47
N ALA A 411 14.09 -14.86 -0.90
CA ALA A 411 14.50 -13.78 0.00
C ALA A 411 14.46 -14.25 1.45
N MET A 412 15.15 -13.54 2.34
CA MET A 412 15.18 -13.88 3.75
C MET A 412 15.26 -15.39 3.93
N ALA A 413 16.26 -16.02 3.30
CA ALA A 413 16.43 -17.46 3.37
C ALA A 413 17.61 -17.92 4.22
N SER A 414 17.49 -19.12 4.78
CA SER A 414 18.53 -19.72 5.61
C SER A 414 19.68 -20.14 4.71
N LYS A 415 20.86 -20.26 5.29
CA LYS A 415 22.00 -20.68 4.51
C LYS A 415 21.68 -22.06 3.91
N ASP A 416 20.89 -22.84 4.64
CA ASP A 416 20.50 -24.18 4.23
C ASP A 416 19.08 -24.27 3.66
N LEU A 417 18.49 -23.12 3.38
CA LEU A 417 17.14 -23.03 2.85
C LEU A 417 16.05 -23.73 3.68
N LYS A 418 16.28 -23.84 4.99
CA LYS A 418 15.29 -24.46 5.87
C LYS A 418 14.09 -23.51 5.82
N GLU A 419 14.40 -22.22 5.90
CA GLU A 419 13.40 -21.14 5.85
C GLU A 419 13.70 -20.26 4.63
N GLN A 420 12.66 -19.95 3.86
CA GLN A 420 12.81 -19.16 2.66
C GLN A 420 11.49 -18.54 2.21
N SER A 421 11.57 -17.38 1.59
CA SER A 421 10.39 -16.72 1.06
C SER A 421 10.61 -16.63 -0.44
N ALA A 422 9.82 -17.39 -1.18
CA ALA A 422 9.97 -17.44 -2.62
C ALA A 422 9.02 -16.53 -3.37
N ILE A 423 9.60 -15.60 -4.12
CA ILE A 423 8.83 -14.68 -4.94
C ILE A 423 9.10 -15.16 -6.36
N PHE A 424 8.10 -15.75 -6.99
CA PHE A 424 8.29 -16.28 -8.33
C PHE A 424 7.16 -16.11 -9.34
N PHE A 425 7.43 -16.59 -10.55
CA PHE A 425 6.48 -16.54 -11.65
C PHE A 425 6.20 -17.93 -12.20
N ARG A 426 5.10 -18.02 -12.96
CA ARG A 426 4.66 -19.26 -13.60
C ARG A 426 4.07 -18.78 -14.92
N VAL A 427 4.24 -19.55 -15.99
CA VAL A 427 3.66 -19.14 -17.26
C VAL A 427 2.76 -20.26 -17.77
N PHE A 428 1.52 -19.90 -18.09
CA PHE A 428 0.57 -20.87 -18.59
C PHE A 428 0.09 -20.47 -19.98
N GLN A 429 -0.80 -21.29 -20.52
CA GLN A 429 -1.41 -21.02 -21.82
C GLN A 429 -2.74 -21.76 -21.90
N ASN A 430 -3.73 -21.13 -22.50
CA ASN A 430 -5.04 -21.74 -22.62
C ASN A 430 -5.09 -22.59 -23.89
N GLN A 431 -6.23 -23.24 -24.11
CA GLN A 431 -6.41 -24.08 -25.28
C GLN A 431 -6.35 -23.30 -26.57
N LEU A 432 -6.19 -21.98 -26.46
CA LEU A 432 -6.10 -21.13 -27.64
C LEU A 432 -4.71 -20.55 -27.83
N GLY A 433 -3.74 -21.08 -27.09
CA GLY A 433 -2.37 -20.61 -27.21
C GLY A 433 -2.04 -19.26 -26.61
N ARG A 434 -2.97 -18.67 -25.87
CA ARG A 434 -2.72 -17.38 -25.23
C ARG A 434 -2.04 -17.57 -23.88
N TYR A 435 -1.02 -16.76 -23.63
CA TYR A 435 -0.25 -16.86 -22.40
C TYR A 435 -0.69 -15.99 -21.23
N SER A 436 -0.56 -16.55 -20.03
CA SER A 436 -0.88 -15.84 -18.80
C SER A 436 0.33 -16.01 -17.87
N VAL A 437 0.67 -14.95 -17.14
CA VAL A 437 1.80 -14.98 -16.21
C VAL A 437 1.31 -14.83 -14.78
N LEU A 438 1.70 -15.75 -13.91
CA LEU A 438 1.28 -15.68 -12.50
C LEU A 438 2.47 -15.28 -11.63
N MET A 439 2.20 -14.43 -10.64
CA MET A 439 3.25 -13.98 -9.72
C MET A 439 2.91 -14.49 -8.32
N CYS A 440 3.90 -15.04 -7.63
CA CYS A 440 3.66 -15.57 -6.30
C CYS A 440 4.60 -15.11 -5.21
N SER A 441 4.12 -15.22 -3.98
CA SER A 441 4.87 -14.93 -2.79
C SER A 441 4.57 -16.11 -1.90
N ASP A 442 5.42 -17.13 -1.98
CA ASP A 442 5.27 -18.37 -1.24
C ASP A 442 5.83 -18.27 0.19
N LEU A 443 5.04 -17.68 1.07
CA LEU A 443 5.43 -17.49 2.46
C LEU A 443 5.21 -18.74 3.29
N SER A 444 4.85 -19.84 2.62
CA SER A 444 4.58 -21.12 3.27
C SER A 444 5.76 -21.65 4.07
N ARG A 445 6.95 -21.54 3.50
CA ARG A 445 8.16 -22.03 4.16
C ARG A 445 8.98 -20.86 4.69
N SER A 446 8.38 -19.68 4.69
CA SER A 446 9.06 -18.47 5.15
C SER A 446 9.63 -18.58 6.56
N THR A 447 8.95 -19.30 7.45
CA THR A 447 9.40 -19.45 8.84
C THR A 447 9.02 -20.80 9.44
N VAL A 448 9.84 -21.27 10.38
CA VAL A 448 9.57 -22.53 11.05
C VAL A 448 8.88 -22.24 12.38
N ARG A 449 8.82 -20.97 12.75
CA ARG A 449 8.16 -20.59 13.99
C ARG A 449 6.67 -20.90 13.91
N SER A 450 6.04 -21.07 15.07
CA SER A 450 4.61 -21.37 15.11
C SER A 450 3.76 -20.14 15.40
N ASN A 451 2.49 -20.22 15.06
CA ASN A 451 1.58 -19.12 15.31
C ASN A 451 1.93 -17.89 14.50
N ILE A 452 2.46 -18.13 13.30
CA ILE A 452 2.82 -17.05 12.39
C ILE A 452 2.00 -17.25 11.12
N ASP A 453 1.31 -16.22 10.69
CA ASP A 453 0.50 -16.34 9.48
C ASP A 453 1.42 -16.47 8.27
N THR A 454 1.45 -17.66 7.69
CA THR A 454 2.29 -17.90 6.53
C THR A 454 1.50 -18.09 5.23
N THR A 455 0.39 -17.38 5.11
CA THR A 455 -0.41 -17.48 3.91
C THR A 455 0.39 -16.92 2.74
N SER A 456 0.30 -17.56 1.59
CA SER A 456 1.00 -17.07 0.42
C SER A 456 0.05 -16.18 -0.37
N TYR A 457 0.61 -15.23 -1.11
CA TYR A 457 -0.19 -14.29 -1.91
C TYR A 457 0.14 -14.46 -3.39
N GLY A 458 -0.82 -14.17 -4.25
CA GLY A 458 -0.59 -14.31 -5.68
C GLY A 458 -1.41 -13.41 -6.57
N ALA A 459 -0.93 -13.18 -7.79
CA ALA A 459 -1.64 -12.34 -8.74
C ALA A 459 -1.12 -12.54 -10.15
N PHE A 460 -2.00 -12.42 -11.15
CA PHE A 460 -1.55 -12.59 -12.52
C PHE A 460 -0.93 -11.26 -12.94
N VAL A 461 0.07 -11.32 -13.80
CA VAL A 461 0.77 -10.14 -14.29
C VAL A 461 0.41 -9.93 -15.73
N ASP A 462 -0.09 -8.74 -16.05
CA ASP A 462 -0.52 -8.43 -17.40
C ASP A 462 0.58 -8.05 -18.39
N ILE A 463 1.30 -9.05 -18.89
CA ILE A 463 2.36 -8.84 -19.87
C ILE A 463 2.44 -10.06 -20.78
N ASP A 464 2.86 -9.82 -22.03
CA ASP A 464 2.99 -10.91 -23.00
C ASP A 464 4.38 -11.50 -22.92
N PRO A 465 4.54 -12.62 -22.20
CA PRO A 465 5.85 -13.25 -22.06
C PRO A 465 6.44 -13.61 -23.41
N ARG A 466 5.62 -13.46 -24.45
CA ARG A 466 6.02 -13.77 -25.81
C ARG A 466 6.68 -12.56 -26.49
N SER A 467 7.02 -11.53 -25.73
CA SER A 467 7.66 -10.36 -26.32
C SER A 467 8.13 -9.38 -25.26
N GLU A 468 8.18 -9.83 -24.01
CA GLU A 468 8.62 -9.04 -22.87
C GLU A 468 9.31 -9.98 -21.89
N GLU A 469 10.40 -9.52 -21.29
CA GLU A 469 11.07 -10.33 -20.31
C GLU A 469 10.31 -10.14 -19.01
N ILE A 470 10.06 -11.20 -18.28
CA ILE A 470 9.34 -11.06 -17.04
C ILE A 470 10.35 -10.47 -16.07
N SER A 471 10.03 -9.31 -15.52
CA SER A 471 10.96 -8.67 -14.58
C SER A 471 10.35 -8.59 -13.18
N LEU A 472 11.22 -8.51 -12.18
CA LEU A 472 10.77 -8.46 -10.78
C LEU A 472 11.72 -7.61 -9.93
N ARG A 473 11.16 -6.80 -9.03
CA ARG A 473 11.96 -5.98 -8.14
C ARG A 473 11.50 -6.18 -6.70
N ASN A 474 12.45 -6.43 -5.82
CA ASN A 474 12.15 -6.66 -4.41
C ASN A 474 12.87 -5.75 -3.46
N LEU A 475 12.09 -5.15 -2.56
CA LEU A 475 12.65 -4.30 -1.52
C LEU A 475 12.62 -5.26 -0.32
N ILE A 476 13.79 -5.75 0.08
CA ILE A 476 13.88 -6.66 1.22
C ILE A 476 14.34 -5.89 2.44
N ASP A 477 13.52 -5.92 3.50
CA ASP A 477 13.83 -5.19 4.71
C ASP A 477 13.39 -5.97 5.96
N HIS A 478 14.16 -6.98 6.30
CA HIS A 478 13.91 -7.81 7.48
C HIS A 478 12.55 -8.49 7.59
N SER A 479 11.55 -7.85 8.19
CA SER A 479 10.26 -8.53 8.32
C SER A 479 9.26 -8.16 7.24
N ILE A 480 9.72 -7.45 6.21
CA ILE A 480 8.83 -7.09 5.11
C ILE A 480 9.55 -7.18 3.79
N ILE A 481 8.85 -7.66 2.78
CA ILE A 481 9.40 -7.78 1.44
C ILE A 481 8.34 -7.23 0.51
N GLU A 482 8.69 -6.26 -0.32
CA GLU A 482 7.72 -5.71 -1.25
C GLU A 482 8.12 -6.12 -2.66
N SER A 483 7.27 -6.91 -3.31
CA SER A 483 7.55 -7.39 -4.65
C SER A 483 6.80 -6.64 -5.73
N PHE A 484 7.57 -6.14 -6.69
CA PHE A 484 7.03 -5.39 -7.83
C PHE A 484 7.28 -6.18 -9.11
N GLY A 485 6.24 -6.86 -9.58
CA GLY A 485 6.36 -7.63 -10.80
C GLY A 485 6.10 -6.75 -12.02
N ALA A 486 6.90 -6.96 -13.07
CA ALA A 486 6.77 -6.21 -14.32
C ALA A 486 6.65 -4.70 -14.17
N GLY A 487 7.67 -4.09 -13.57
CA GLY A 487 7.69 -2.65 -13.41
C GLY A 487 6.64 -1.93 -12.58
N GLY A 488 5.76 -2.66 -11.92
CA GLY A 488 4.75 -2.01 -11.12
C GLY A 488 3.33 -2.38 -11.48
N LYS A 489 3.20 -3.35 -12.39
CA LYS A 489 1.87 -3.79 -12.82
C LYS A 489 1.26 -4.73 -11.79
N THR A 490 2.11 -5.43 -11.04
CA THR A 490 1.64 -6.35 -10.03
C THR A 490 2.53 -6.23 -8.78
N CYS A 491 1.93 -5.77 -7.69
CA CYS A 491 2.66 -5.61 -6.43
C CYS A 491 2.17 -6.56 -5.33
N ILE A 492 3.10 -7.10 -4.56
CA ILE A 492 2.77 -8.01 -3.46
C ILE A 492 3.66 -7.74 -2.26
N THR A 493 3.05 -7.29 -1.16
CA THR A 493 3.78 -7.01 0.06
C THR A 493 3.66 -8.19 1.01
N SER A 494 4.78 -8.63 1.56
CA SER A 494 4.79 -9.77 2.46
C SER A 494 5.46 -9.49 3.78
N ARG A 495 4.91 -10.07 4.85
CA ARG A 495 5.49 -9.95 6.16
C ARG A 495 5.98 -11.36 6.52
N ILE A 496 7.29 -11.47 6.78
CA ILE A 496 7.88 -12.76 7.12
C ILE A 496 8.70 -12.66 8.40
N TYR A 497 8.61 -13.70 9.23
CA TYR A 497 9.32 -13.73 10.50
C TYR A 497 10.13 -15.02 10.62
N PRO A 498 11.15 -15.18 9.76
CA PRO A 498 11.93 -16.42 9.88
C PRO A 498 12.59 -16.49 11.25
N LYS A 499 12.95 -17.69 11.67
CA LYS A 499 13.56 -17.84 12.98
C LYS A 499 15.06 -17.57 12.98
N PHE A 500 15.76 -18.03 11.96
CA PHE A 500 17.21 -17.87 11.91
C PHE A 500 17.74 -16.46 12.13
N VAL A 501 16.95 -15.45 11.74
CA VAL A 501 17.38 -14.08 11.91
C VAL A 501 17.88 -13.77 13.32
N ASN A 502 17.44 -14.55 14.29
CA ASN A 502 17.85 -14.34 15.67
C ASN A 502 19.31 -14.69 15.96
N ASN A 503 19.98 -15.36 15.03
CA ASN A 503 21.37 -15.73 15.25
C ASN A 503 22.23 -15.62 14.00
N GLU A 504 21.93 -16.45 13.01
CA GLU A 504 22.70 -16.41 11.76
C GLU A 504 22.19 -15.31 10.84
N GLU A 505 22.93 -15.04 9.76
CA GLU A 505 22.54 -14.01 8.80
C GLU A 505 21.66 -14.56 7.69
N ALA A 506 21.02 -13.66 6.96
CA ALA A 506 20.13 -14.05 5.88
C ALA A 506 20.87 -14.19 4.56
N HIS A 507 20.24 -14.87 3.61
CA HIS A 507 20.82 -15.07 2.30
C HIS A 507 19.86 -14.68 1.19
N LEU A 508 20.39 -14.61 -0.03
CA LEU A 508 19.60 -14.23 -1.19
C LEU A 508 19.88 -15.23 -2.31
N PHE A 509 18.82 -15.82 -2.86
CA PHE A 509 18.99 -16.78 -3.94
C PHE A 509 18.08 -16.51 -5.12
N VAL A 510 18.55 -16.91 -6.30
CA VAL A 510 17.78 -16.82 -7.52
C VAL A 510 17.56 -18.30 -7.80
N PHE A 511 16.41 -18.69 -8.32
CA PHE A 511 16.21 -20.11 -8.54
C PHE A 511 15.24 -20.43 -9.66
N ASN A 512 15.30 -21.67 -10.13
CA ASN A 512 14.42 -22.15 -11.19
C ASN A 512 14.06 -23.57 -10.83
N ASN A 513 12.81 -23.80 -10.45
CA ASN A 513 12.38 -25.15 -10.08
C ASN A 513 11.43 -25.70 -11.13
N GLY A 514 11.47 -25.12 -12.32
CA GLY A 514 10.63 -25.59 -13.39
C GLY A 514 11.36 -26.73 -14.10
N THR A 515 10.87 -27.11 -15.27
CA THR A 515 11.49 -28.17 -16.04
C THR A 515 12.11 -27.54 -17.27
N GLN A 516 11.85 -26.26 -17.45
CA GLN A 516 12.38 -25.51 -18.57
C GLN A 516 13.50 -24.61 -18.08
N ASN A 517 14.29 -24.11 -19.02
CA ASN A 517 15.38 -23.21 -18.68
C ASN A 517 14.89 -21.80 -18.71
N VAL A 518 15.51 -20.97 -17.88
CA VAL A 518 15.19 -19.56 -17.81
C VAL A 518 16.55 -18.89 -17.77
N LYS A 519 16.74 -17.85 -18.55
CA LYS A 519 18.00 -17.16 -18.54
C LYS A 519 17.80 -15.82 -17.87
N ILE A 520 18.71 -15.49 -16.96
CA ILE A 520 18.67 -14.22 -16.27
C ILE A 520 19.34 -13.29 -17.25
N SER A 521 18.56 -12.47 -17.95
CA SER A 521 19.18 -11.56 -18.90
C SER A 521 20.03 -10.61 -18.07
N GLU A 522 19.49 -10.19 -16.94
CA GLU A 522 20.21 -9.30 -16.04
C GLU A 522 19.55 -9.17 -14.69
N MET A 523 20.38 -9.08 -13.66
CA MET A 523 19.90 -8.92 -12.30
C MET A 523 20.85 -8.01 -11.55
N SER A 524 20.30 -7.06 -10.79
CA SER A 524 21.14 -6.15 -10.01
C SER A 524 20.62 -6.02 -8.59
N ALA A 525 21.54 -6.19 -7.64
CA ALA A 525 21.21 -6.09 -6.23
C ALA A 525 22.09 -5.06 -5.53
N TRP A 526 21.50 -4.29 -4.62
CA TRP A 526 22.24 -3.29 -3.86
C TRP A 526 21.97 -3.52 -2.38
N SER A 527 22.97 -3.28 -1.55
CA SER A 527 22.78 -3.40 -0.13
C SER A 527 22.24 -2.05 0.28
N MET A 528 21.10 -2.03 0.96
CA MET A 528 20.47 -0.78 1.36
C MET A 528 20.91 -0.29 2.74
N LYS A 529 21.39 0.94 2.82
CA LYS A 529 21.81 1.51 4.11
C LYS A 529 20.58 1.96 4.87
N ASN A 530 20.70 2.07 6.19
CA ASN A 530 19.56 2.47 7.02
C ASN A 530 19.04 3.88 6.77
N ALA A 531 17.75 4.04 7.03
CA ALA A 531 17.12 5.34 6.90
C ALA A 531 17.40 6.05 8.23
N LYS A 532 17.36 7.38 8.25
CA LYS A 532 17.61 8.10 9.49
C LYS A 532 16.30 8.51 10.14
N PHE A 533 16.13 8.12 11.39
CA PHE A 533 14.93 8.45 12.15
C PHE A 533 15.33 9.15 13.44
N VAL A 534 15.40 10.48 13.42
CA VAL A 534 15.75 11.21 14.63
C VAL A 534 14.47 11.44 15.42
N VAL A 535 14.55 11.31 16.75
CA VAL A 535 13.37 11.52 17.58
C VAL A 535 13.40 12.86 18.30
N ASP A 536 12.43 13.71 17.97
CA ASP A 536 12.31 15.02 18.58
C ASP A 536 10.94 15.04 19.26
N GLN A 537 10.86 14.57 20.49
CA GLN A 537 9.57 14.53 21.18
C GLN A 537 9.51 15.14 22.58
N SER A 538 9.43 14.28 23.60
CA SER A 538 9.33 14.68 25.00
C SER A 538 7.90 15.14 25.31
C1 NAG B . 12.06 -27.48 -5.72
C2 NAG B . 12.12 -27.03 -4.27
C3 NAG B . 12.41 -28.22 -3.37
C4 NAG B . 11.34 -29.30 -3.59
C5 NAG B . 11.29 -29.66 -5.09
C6 NAG B . 10.19 -30.64 -5.42
C7 NAG B . 12.92 -25.01 -3.24
C8 NAG B . 13.68 -25.08 -1.92
N2 NAG B . 13.12 -26.00 -4.11
O3 NAG B . 12.45 -27.83 -2.00
O4 NAG B . 11.63 -30.47 -2.81
O5 NAG B . 11.05 -28.47 -5.88
O6 NAG B . 9.41 -30.96 -4.28
O7 NAG B . 12.15 -24.07 -3.48
C1 NDG B . 11.35 -30.40 -1.45
C2 NDG B . 12.21 -31.40 -0.68
C3 NDG B . 12.00 -31.07 0.80
C4 NDG B . 10.51 -31.21 1.18
C5 NDG B . 9.57 -30.48 0.18
C6 NDG B . 9.52 -28.99 0.40
C7 NDG B . 11.69 -33.22 -2.21
C8 NDG B . 10.31 -33.52 -2.79
O5 NDG B . 9.97 -30.71 -1.22
O3 NDG B . 12.44 -29.74 1.06
O4 NDG B . 10.13 -32.59 1.28
O6 NDG B . 8.23 -28.47 0.09
O7 NDG B . 12.69 -33.40 -2.90
N2 NDG B . 11.75 -32.75 -0.96
C1 NAG C . 4.34 27.56 17.53
C2 NAG C . 5.53 27.94 18.42
C3 NAG C . 5.46 27.18 19.76
C4 NAG C . 4.17 27.55 20.51
C5 NAG C . 2.96 27.59 19.57
C6 NAG C . 2.43 28.97 19.27
C7 NAG C . 7.14 28.20 16.63
C8 NAG C . 7.53 29.68 16.71
N2 NAG C . 6.77 27.59 17.75
O3 NAG C . 6.59 27.49 20.55
O4 NAG C . 3.95 26.59 21.59
O5 NAG C . 3.26 26.95 18.29
O6 NAG C . 1.12 28.89 18.70
O7 NAG C . 7.19 27.62 15.55
C1 NAG C . 4.04 27.04 22.90
C2 NAG C . 3.43 26.02 23.88
C3 NAG C . 3.59 26.53 25.32
C4 NAG C . 5.07 26.76 25.63
C5 NAG C . 5.62 27.74 24.58
C6 NAG C . 7.11 27.99 24.74
C7 NAG C . 1.66 24.90 22.70
C8 NAG C . 1.62 23.45 23.15
N2 NAG C . 2.02 25.81 23.59
O3 NAG C . 3.02 25.60 26.23
O4 NAG C . 5.21 27.32 26.97
O5 NAG C . 5.43 27.23 23.24
O6 NAG C . 7.84 26.87 24.25
O7 NAG C . 1.36 25.19 21.54
C1 BMA C . 5.49 26.45 28.02
C2 BMA C . 7.01 26.19 28.13
C3 BMA C . 7.56 26.51 29.54
C4 BMA C . 6.68 25.87 30.61
C5 BMA C . 5.18 26.21 30.39
C6 BMA C . 4.58 26.93 31.59
O2 BMA C . 7.70 26.98 27.17
O3 BMA C . 7.65 27.93 29.78
O4 BMA C . 6.85 24.45 30.60
O5 BMA C . 5.02 27.07 29.23
O6 BMA C . 4.92 26.27 32.81
C1 BMA C . 8.52 28.28 30.83
C2 BMA C . 9.64 29.20 30.34
C3 BMA C . 10.37 29.79 31.53
C4 BMA C . 9.41 30.71 32.31
C5 BMA C . 7.96 30.16 32.39
C6 BMA C . 6.89 30.95 31.65
O2 BMA C . 9.11 30.23 29.52
O3 BMA C . 11.51 30.53 31.07
O4 BMA C . 9.90 30.91 33.63
O5 BMA C . 7.85 28.75 32.02
O6 BMA C . 6.78 30.56 30.28
C1 GLC D . -10.22 -1.34 14.52
C2 GLC D . -9.21 -2.33 13.92
C3 GLC D . -9.64 -3.78 14.16
C4 GLC D . -9.86 -4.03 15.65
C5 GLC D . -10.96 -3.06 16.15
C6 GLC D . -11.25 -3.22 17.62
O2 GLC D . -8.97 -2.02 12.56
O3 GLC D . -8.61 -4.62 13.60
O4 GLC D . -10.25 -5.39 15.87
O5 GLC D . -10.51 -1.67 15.90
O6 GLC D . -12.49 -2.10 17.99
C1 FRU D . -11.16 1.04 12.72
C2 FRU D . -12.01 0.02 13.47
C3 FRU D . -13.29 -0.18 12.66
C4 FRU D . -14.39 0.10 13.68
C5 FRU D . -13.70 0.97 14.77
C6 FRU D . -14.19 0.68 16.17
O1 FRU D . -10.79 0.56 11.38
O2 FRU D . -11.40 -1.26 13.71
O3 FRU D . -13.40 -1.51 12.16
O4 FRU D . -15.50 0.74 13.07
O5 FRU D . -12.30 0.68 14.69
O6 FRU D . -13.49 1.53 17.07
C1 FRU D . -9.25 0.26 9.59
C2 FRU D . -9.78 1.28 10.57
C3 FRU D . -10.37 2.57 9.90
C4 FRU D . -10.14 3.65 10.92
C5 FRU D . -8.82 3.23 11.61
C6 FRU D . -8.79 3.49 13.11
O1 FRU D . -8.27 0.80 8.71
O3 FRU D . -11.74 2.49 9.57
O4 FRU D . -10.10 4.94 10.31
O5 FRU D . -8.69 1.79 11.36
O6 FRU D . -7.55 3.07 13.65
#